data_2KQG
#
_entry.id   2KQG
#
loop_
_entity.id
_entity.type
_entity.pdbx_description
1 polymer "5'-D(*CP*GP*GP*GP*CP*GP*GP*GP*CP*AP*CP*GP*AP*GP*GP*GP*AP*GP*GP*GP*T)-3'"
2 non-polymer 'POTASSIUM ION'
#
_entity_poly.entity_id   1
_entity_poly.type   'polydeoxyribonucleotide'
_entity_poly.pdbx_seq_one_letter_code
;(DC)(DG)(DG)(DG)(DC)(DG)(DG)(DG)(DC)(DA)(DC)(DG)(DA)(DG)(DG)(DG)(DA)(DG)(DG)(DG)
(DT)
;
_entity_poly.pdbx_strand_id   A
#
loop_
_chem_comp.id
_chem_comp.type
_chem_comp.name
_chem_comp.formula
DA DNA linking 2'-DEOXYADENOSINE-5'-MONOPHOSPHATE 'C10 H14 N5 O6 P'
DC DNA linking 2'-DEOXYCYTIDINE-5'-MONOPHOSPHATE 'C9 H14 N3 O7 P'
DG DNA linking 2'-DEOXYGUANOSINE-5'-MONOPHOSPHATE 'C10 H14 N5 O7 P'
DT DNA linking THYMIDINE-5'-MONOPHOSPHATE 'C10 H15 N2 O8 P'
K non-polymer 'POTASSIUM ION' 'K 1'
#
# COMPACT_ATOMS: atom_id res chain seq x y z
K K B . 1.24 0.40 -1.10
K K C . -1.50 -0.34 1.24
K K B . 1.38 0.44 -1.15
K K C . -1.37 -0.39 1.18
K K B . 1.26 0.32 -1.09
K K C . -1.46 -0.38 1.28
K K B . 1.24 0.34 -1.14
K K C . -1.44 -0.31 1.32
K K B . 1.34 0.44 -1.21
K K C . -1.39 -0.44 1.23
K K B . 1.59 0.44 -1.18
K K C . -1.26 -0.54 0.98
K K B . 1.59 0.48 -1.22
K K C . -1.37 -0.49 0.88
K K B . 1.27 0.29 -1.08
K K C . -1.51 -0.39 1.33
K K B . 1.53 0.40 -1.15
K K C . -1.35 -0.34 1.03
K K B . 1.48 0.47 -1.24
K K C . -1.28 -0.43 1.08
#